data_2XZF
#
_entry.id   2XZF
#
_cell.length_a   91.569
_cell.length_b   91.569
_cell.length_c   142.777
_cell.angle_alpha   90.00
_cell.angle_beta   90.00
_cell.angle_gamma   90.00
#
_symmetry.space_group_name_H-M   'P 41 21 2'
#
loop_
_entity.id
_entity.type
_entity.pdbx_description
1 polymer 'FORMAMIDOPYRIMIDINE-DNA GLYCOSYLASE'
2 polymer "5'-D(*CP*TP*CP*TP*TP*TP*VETP*TP*TP*TP*CP*TP*CP*GP)-3'"
3 polymer "5'-D(*GP*AP*GP*AP*AP*AP*CP*AP*AP*AP*GP*AP*GP*CP)-3'"
4 non-polymer 'ZINC ION'
5 non-polymer GLYCEROL
6 water water
#
loop_
_entity_poly.entity_id
_entity_poly.type
_entity_poly.pdbx_seq_one_letter_code
_entity_poly.pdbx_strand_id
1 'polypeptide(L)'
;PELPEVETVRRELEKRIVGQKIISIEATYPRMVLTGFEQLKKELTGKTIQGISRRGKYLIFEIGDDFRLISHLRMEGKYR
LATLDAPREKHDHLTMKFADGQLIYADVRKFGTWELISTDQVLPYFLKKKIGPEPTYEDFDEKLFREKLRKSTKKIKPYL
LEQTLVAGLGNIYVDEVLWLAKIHPEKETNQLIESSIHLLHDSIIEILQKAIKLGGSSIRTYSALGSTGKMQNELQVYGK
TGEKCSRCGAEIQKIKVAGRGTHFCPVCQQK
;
A
2 'polydeoxyribonucleotide' (DC)(DT)(DC)(DT)(DT)(DT)(VET)(DT)(DT)(DT)(DC)(DT)(DC)(DG) B
3 'polydeoxyribonucleotide' (DG)(DA)(DG)(DA)(DA)(DA)(DC)(DA)(DA)(DA)(DG)(DA)(DG)(DC) C
#
loop_
_chem_comp.id
_chem_comp.type
_chem_comp.name
_chem_comp.formula
DA DNA linking 2'-DEOXYADENOSINE-5'-MONOPHOSPHATE 'C10 H14 N5 O6 P'
DC DNA linking 2'-DEOXYCYTIDINE-5'-MONOPHOSPHATE 'C9 H14 N3 O7 P'
DG DNA linking 2'-DEOXYGUANOSINE-5'-MONOPHOSPHATE 'C10 H14 N5 O7 P'
DT DNA linking THYMIDINE-5'-MONOPHOSPHATE 'C10 H15 N2 O8 P'
GOL non-polymer GLYCEROL 'C3 H8 O3'
VET DNA linking '[(1R,2S,4R)-2-HYDROXY-4-[(5R)-5-HYDROXY-5-METHYL-2,4-DIOXO-IMIDAZOLIDIN-1-YL]CYCLOPENTYL]METHYL DIHYDROGEN PHOSPHATE' 'C10 H17 N2 O8 P'
ZN non-polymer 'ZINC ION' 'Zn 2'
#
# COMPACT_ATOMS: atom_id res chain seq x y z
N PRO A 1 5.37 1.81 1.34
CA PRO A 1 4.06 2.40 1.01
C PRO A 1 2.92 1.53 1.50
N GLU A 2 1.92 2.16 2.09
CA GLU A 2 0.69 1.46 2.45
C GLU A 2 -0.36 1.95 1.46
N LEU A 3 -1.61 1.56 1.66
CA LEU A 3 -2.60 1.87 0.64
C LEU A 3 -2.67 3.38 0.29
N PRO A 4 -2.66 4.26 1.31
CA PRO A 4 -2.80 5.68 0.96
C PRO A 4 -1.63 6.21 0.10
N GLU A 5 -0.43 5.72 0.37
CA GLU A 5 0.73 6.12 -0.43
C GLU A 5 0.64 5.56 -1.85
N VAL A 6 0.21 4.31 -1.97
CA VAL A 6 0.08 3.71 -3.29
C VAL A 6 -1.02 4.45 -4.09
N GLU A 7 -2.12 4.79 -3.41
CA GLU A 7 -3.19 5.54 -4.08
C GLU A 7 -2.69 6.91 -4.57
N THR A 8 -1.84 7.54 -3.75
CA THR A 8 -1.31 8.85 -4.11
C THR A 8 -0.47 8.74 -5.39
N VAL A 9 0.39 7.73 -5.44
CA VAL A 9 1.18 7.46 -6.65
C VAL A 9 0.27 7.16 -7.84
N ARG A 10 -0.76 6.34 -7.61
CA ARG A 10 -1.71 6.03 -8.68
C ARG A 10 -2.31 7.29 -9.28
N ARG A 11 -2.74 8.20 -8.43
CA ARG A 11 -3.42 9.41 -8.88
C ARG A 11 -2.49 10.29 -9.70
N GLU A 12 -1.25 10.42 -9.24
CA GLU A 12 -0.26 11.24 -9.94
CA GLU A 12 -0.28 11.26 -9.96
C GLU A 12 0.08 10.63 -11.30
N LEU A 13 0.30 9.31 -11.31
CA LEU A 13 0.57 8.63 -12.58
C LEU A 13 -0.60 8.76 -13.55
N GLU A 14 -1.82 8.67 -13.03
CA GLU A 14 -3.00 8.74 -13.88
C GLU A 14 -3.03 10.09 -14.58
N LYS A 15 -2.70 11.13 -13.82
CA LYS A 15 -2.73 12.50 -14.32
C LYS A 15 -1.68 12.70 -15.41
N ARG A 16 -0.53 12.05 -15.26
CA ARG A 16 0.61 12.38 -16.11
C ARG A 16 1.01 11.42 -17.23
N ILE A 17 0.77 10.12 -17.08
CA ILE A 17 1.25 9.20 -18.11
C ILE A 17 0.16 8.54 -18.95
N VAL A 18 -1.11 8.72 -18.57
CA VAL A 18 -2.18 8.19 -19.40
C VAL A 18 -2.13 8.83 -20.80
N GLY A 19 -2.17 7.98 -21.82
CA GLY A 19 -2.05 8.44 -23.18
C GLY A 19 -0.64 8.39 -23.74
N GLN A 20 0.34 8.05 -22.92
CA GLN A 20 1.73 8.02 -23.39
C GLN A 20 2.07 6.70 -24.07
N LYS A 21 2.69 6.80 -25.24
CA LYS A 21 3.20 5.62 -25.91
C LYS A 21 4.56 5.25 -25.32
N ILE A 22 4.75 3.98 -24.96
CA ILE A 22 6.04 3.51 -24.46
C ILE A 22 7.00 3.34 -25.63
N ILE A 23 8.06 4.15 -25.67
CA ILE A 23 9.00 4.06 -26.78
C ILE A 23 9.98 2.92 -26.57
N SER A 24 10.47 2.78 -25.33
CA SER A 24 11.37 1.69 -25.02
C SER A 24 11.36 1.39 -23.53
N ILE A 25 11.86 0.22 -23.17
CA ILE A 25 11.92 -0.19 -21.77
C ILE A 25 13.31 -0.77 -21.50
N GLU A 26 13.96 -0.35 -20.41
CA GLU A 26 15.31 -0.84 -20.10
C GLU A 26 15.35 -1.28 -18.64
N ALA A 27 16.22 -2.23 -18.34
CA ALA A 27 16.36 -2.72 -16.97
C ALA A 27 17.84 -2.79 -16.61
N THR A 28 18.19 -2.37 -15.39
CA THR A 28 19.49 -2.75 -14.84
C THR A 28 19.32 -3.87 -13.83
N TYR A 29 18.08 -4.06 -13.36
CA TYR A 29 17.77 -5.20 -12.50
C TYR A 29 16.56 -5.97 -13.02
N PRO A 30 16.77 -6.70 -14.13
CA PRO A 30 15.64 -7.39 -14.78
C PRO A 30 14.99 -8.46 -13.91
N ARG A 31 15.68 -8.98 -12.91
CA ARG A 31 15.13 -10.07 -12.08
CA ARG A 31 15.10 -10.09 -12.14
C ARG A 31 13.92 -9.69 -11.24
N MET A 32 13.63 -8.40 -11.12
CA MET A 32 12.43 -7.97 -10.36
C MET A 32 11.15 -8.09 -11.20
N VAL A 33 11.29 -8.39 -12.49
CA VAL A 33 10.11 -8.67 -13.32
C VAL A 33 9.85 -10.17 -13.25
N LEU A 34 8.88 -10.55 -12.42
CA LEU A 34 8.69 -11.95 -12.07
C LEU A 34 8.17 -12.79 -13.23
N THR A 35 7.59 -12.12 -14.23
CA THR A 35 7.08 -12.81 -15.40
C THR A 35 8.09 -12.81 -16.55
N GLY A 36 9.25 -12.19 -16.32
CA GLY A 36 10.33 -12.20 -17.29
C GLY A 36 10.51 -10.85 -17.99
N PHE A 37 11.69 -10.27 -17.84
CA PHE A 37 11.91 -8.93 -18.34
C PHE A 37 11.90 -8.83 -19.87
N GLU A 38 12.63 -9.73 -20.54
CA GLU A 38 12.71 -9.64 -21.99
C GLU A 38 11.31 -9.84 -22.57
N GLN A 39 10.54 -10.71 -21.94
CA GLN A 39 9.16 -10.93 -22.38
C GLN A 39 8.31 -9.66 -22.27
N LEU A 40 8.42 -8.98 -21.12
CA LEU A 40 7.70 -7.74 -20.89
C LEU A 40 8.13 -6.66 -21.87
N LYS A 41 9.43 -6.57 -22.11
CA LYS A 41 9.96 -5.58 -23.05
C LYS A 41 9.38 -5.82 -24.44
N LYS A 42 9.35 -7.07 -24.86
CA LYS A 42 8.84 -7.40 -26.20
C LYS A 42 7.35 -7.05 -26.29
N GLU A 43 6.58 -7.39 -25.26
CA GLU A 43 5.14 -7.19 -25.30
C GLU A 43 4.67 -5.74 -25.21
N LEU A 44 5.37 -4.93 -24.39
CA LEU A 44 4.87 -3.60 -24.05
C LEU A 44 5.48 -2.46 -24.85
N THR A 45 6.63 -2.70 -25.46
CA THR A 45 7.27 -1.68 -26.29
C THR A 45 6.33 -1.26 -27.42
N GLY A 46 6.08 0.03 -27.54
CA GLY A 46 5.19 0.55 -28.56
C GLY A 46 3.72 0.65 -28.17
N LYS A 47 3.36 0.14 -27.00
CA LYS A 47 1.96 0.19 -26.54
C LYS A 47 1.71 1.48 -25.77
N THR A 48 0.45 1.85 -25.65
CA THR A 48 0.09 3.09 -24.98
C THR A 48 -0.53 2.83 -23.62
N ILE A 49 -0.11 3.59 -22.62
CA ILE A 49 -0.68 3.46 -21.29
C ILE A 49 -2.12 4.03 -21.29
N GLN A 50 -3.10 3.21 -20.89
CA GLN A 50 -4.50 3.61 -20.98
C GLN A 50 -5.08 4.03 -19.62
N GLY A 51 -4.47 3.59 -18.54
CA GLY A 51 -4.98 3.89 -17.22
C GLY A 51 -4.11 3.30 -16.12
N ILE A 52 -4.37 3.72 -14.88
CA ILE A 52 -3.67 3.13 -13.74
C ILE A 52 -4.69 2.86 -12.66
N SER A 53 -4.78 1.60 -12.22
CA SER A 53 -5.70 1.23 -11.16
C SER A 53 -4.92 0.76 -9.94
N ARG A 54 -5.65 0.36 -8.90
CA ARG A 54 -5.01 -0.10 -7.66
C ARG A 54 -5.91 -1.11 -6.99
N ARG A 55 -5.31 -2.11 -6.36
CA ARG A 55 -6.04 -3.06 -5.54
C ARG A 55 -5.19 -3.25 -4.31
N GLY A 56 -5.73 -2.94 -3.13
CA GLY A 56 -4.91 -2.97 -1.93
C GLY A 56 -3.65 -2.13 -2.13
N LYS A 57 -2.48 -2.70 -1.83
CA LYS A 57 -1.22 -1.98 -2.02
C LYS A 57 -0.61 -2.20 -3.41
N TYR A 58 -1.35 -2.84 -4.30
CA TYR A 58 -0.84 -3.13 -5.64
C TYR A 58 -1.23 -2.06 -6.65
N LEU A 59 -0.25 -1.58 -7.43
CA LEU A 59 -0.54 -0.71 -8.57
C LEU A 59 -0.78 -1.55 -9.82
N ILE A 60 -1.74 -1.13 -10.65
CA ILE A 60 -2.04 -1.86 -11.87
C ILE A 60 -1.98 -0.92 -13.07
N PHE A 61 -0.94 -1.03 -13.90
CA PHE A 61 -0.86 -0.25 -15.13
C PHE A 61 -1.70 -0.96 -16.20
N GLU A 62 -2.60 -0.21 -16.84
CA GLU A 62 -3.42 -0.75 -17.91
C GLU A 62 -2.79 -0.28 -19.19
N ILE A 63 -2.28 -1.23 -19.97
CA ILE A 63 -1.42 -0.87 -21.12
C ILE A 63 -1.86 -1.63 -22.37
N GLY A 64 -2.03 -0.90 -23.46
CA GLY A 64 -2.47 -1.54 -24.68
C GLY A 64 -3.91 -1.97 -24.50
N ASP A 65 -4.33 -2.97 -25.26
CA ASP A 65 -5.71 -3.40 -25.18
C ASP A 65 -5.98 -4.25 -23.96
N ASP A 66 -5.05 -5.14 -23.66
CA ASP A 66 -5.33 -6.24 -22.75
C ASP A 66 -4.15 -6.65 -21.88
N PHE A 67 -3.20 -5.74 -21.67
CA PHE A 67 -2.10 -5.98 -20.75
C PHE A 67 -2.32 -5.28 -19.42
N ARG A 68 -1.95 -5.95 -18.35
CA ARG A 68 -1.99 -5.36 -17.01
C ARG A 68 -0.64 -5.60 -16.35
N LEU A 69 0.05 -4.52 -16.00
CA LEU A 69 1.34 -4.64 -15.30
C LEU A 69 1.09 -4.40 -13.82
N ILE A 70 1.25 -5.45 -13.03
CA ILE A 70 0.99 -5.37 -11.59
C ILE A 70 2.29 -5.10 -10.88
N SER A 71 2.34 -3.92 -10.22
CA SER A 71 3.54 -3.45 -9.55
C SER A 71 3.32 -3.37 -8.04
N HIS A 72 4.23 -3.96 -7.26
CA HIS A 72 4.17 -3.82 -5.80
C HIS A 72 5.44 -3.12 -5.35
N LEU A 73 5.29 -2.08 -4.53
CA LEU A 73 6.43 -1.26 -4.12
CA LEU A 73 6.44 -1.27 -4.13
C LEU A 73 7.11 -1.83 -2.87
N ARG A 74 6.45 -2.77 -2.22
CA ARG A 74 6.96 -3.37 -1.00
C ARG A 74 7.39 -2.29 0.02
N MET A 75 8.64 -2.36 0.51
CA MET A 75 9.06 -1.50 1.62
C MET A 75 9.56 -0.13 1.20
N GLU A 76 10.27 -0.07 0.08
CA GLU A 76 10.96 1.16 -0.32
C GLU A 76 10.85 1.56 -1.79
N GLY A 77 9.96 0.91 -2.54
CA GLY A 77 9.88 1.21 -3.97
C GLY A 77 9.44 2.65 -4.22
N LYS A 78 10.01 3.27 -5.24
CA LYS A 78 9.71 4.67 -5.58
C LYS A 78 9.72 4.88 -7.09
N TYR A 79 8.69 5.57 -7.59
CA TYR A 79 8.66 5.95 -9.00
C TYR A 79 8.96 7.43 -9.13
N ARG A 80 9.55 7.81 -10.25
CA ARG A 80 9.68 9.24 -10.54
C ARG A 80 9.59 9.47 -12.04
N LEU A 81 9.11 10.66 -12.41
CA LEU A 81 9.05 11.03 -13.81
C LEU A 81 10.24 11.95 -14.08
N ALA A 82 11.12 11.52 -14.98
CA ALA A 82 12.38 12.21 -15.18
C ALA A 82 12.59 12.60 -16.64
N THR A 83 13.52 13.52 -16.90
CA THR A 83 13.87 13.84 -18.29
C THR A 83 14.58 12.67 -18.94
N LEU A 84 14.58 12.63 -20.26
CA LEU A 84 15.22 11.53 -20.96
C LEU A 84 16.72 11.54 -20.73
N ASP A 85 17.27 12.71 -20.42
CA ASP A 85 18.71 12.80 -20.15
C ASP A 85 19.06 12.70 -18.65
N ALA A 86 18.09 12.35 -17.80
CA ALA A 86 18.38 12.25 -16.36
C ALA A 86 19.49 11.25 -16.08
N PRO A 87 20.42 11.62 -15.18
CA PRO A 87 21.48 10.67 -14.80
C PRO A 87 20.95 9.49 -14.01
N ARG A 88 21.66 8.37 -14.14
CA ARG A 88 21.32 7.17 -13.39
C ARG A 88 21.56 7.40 -11.90
N GLU A 89 20.65 6.94 -11.06
CA GLU A 89 20.87 6.94 -9.61
C GLU A 89 21.08 5.48 -9.14
N LYS A 90 21.79 5.34 -8.03
CA LYS A 90 22.29 4.04 -7.61
C LYS A 90 21.27 2.90 -7.61
N HIS A 91 20.09 3.16 -7.08
CA HIS A 91 19.10 2.08 -6.92
C HIS A 91 17.95 2.11 -7.93
N ASP A 92 18.16 2.80 -9.06
CA ASP A 92 17.22 2.74 -10.18
C ASP A 92 17.31 1.36 -10.81
N HIS A 93 16.17 0.73 -11.09
CA HIS A 93 16.17 -0.64 -11.64
C HIS A 93 15.53 -0.81 -13.01
N LEU A 94 14.51 -0.01 -13.30
CA LEU A 94 13.73 -0.16 -14.53
C LEU A 94 13.32 1.21 -15.01
N THR A 95 13.16 1.37 -16.32
CA THR A 95 12.58 2.60 -16.83
C THR A 95 11.68 2.33 -18.03
N MET A 96 10.53 2.99 -18.08
CA MET A 96 9.74 3.07 -19.32
C MET A 96 10.01 4.43 -19.92
N LYS A 97 10.56 4.46 -21.12
CA LYS A 97 10.85 5.73 -21.79
C LYS A 97 9.74 6.15 -22.73
N PHE A 98 9.30 7.40 -22.59
CA PHE A 98 8.32 8.00 -23.47
C PHE A 98 9.02 9.02 -24.35
N ALA A 99 8.26 9.69 -25.20
CA ALA A 99 8.87 10.65 -26.12
C ALA A 99 9.41 11.88 -25.39
N ASP A 100 8.78 12.26 -24.28
CA ASP A 100 9.16 13.49 -23.59
C ASP A 100 9.60 13.32 -22.14
N GLY A 101 9.86 12.08 -21.75
CA GLY A 101 10.34 11.83 -20.39
C GLY A 101 10.34 10.33 -20.15
N GLN A 102 10.66 9.92 -18.93
CA GLN A 102 10.71 8.50 -18.61
C GLN A 102 10.22 8.26 -17.20
N LEU A 103 9.61 7.09 -17.00
CA LEU A 103 9.17 6.67 -15.68
C LEU A 103 10.17 5.67 -15.12
N ILE A 104 10.86 6.05 -14.05
CA ILE A 104 11.92 5.24 -13.48
C ILE A 104 11.46 4.64 -12.17
N TYR A 105 11.68 3.34 -12.01
CA TYR A 105 11.43 2.65 -10.73
C TYR A 105 12.74 2.39 -9.98
N ALA A 106 12.78 2.81 -8.72
CA ALA A 106 13.94 2.57 -7.87
C ALA A 106 13.50 1.86 -6.59
N ASP A 107 14.41 1.08 -6.02
CA ASP A 107 14.05 0.31 -4.82
C ASP A 107 15.33 -0.14 -4.15
N VAL A 108 15.73 0.55 -3.08
CA VAL A 108 16.99 0.23 -2.42
C VAL A 108 17.06 -1.24 -2.02
N ARG A 109 15.98 -1.76 -1.45
CA ARG A 109 16.04 -3.13 -0.92
C ARG A 109 15.74 -4.24 -1.95
N LYS A 110 15.39 -3.82 -3.16
CA LYS A 110 15.09 -4.73 -4.26
C LYS A 110 13.95 -5.68 -3.94
N PHE A 111 12.98 -5.25 -3.13
CA PHE A 111 11.88 -6.14 -2.77
C PHE A 111 10.71 -6.03 -3.76
N GLY A 112 10.55 -4.85 -4.36
CA GLY A 112 9.41 -4.57 -5.23
C GLY A 112 9.38 -5.49 -6.45
N THR A 113 8.19 -5.67 -7.00
CA THR A 113 7.99 -6.66 -8.08
C THR A 113 7.14 -6.11 -9.21
N TRP A 114 7.40 -6.60 -10.43
CA TRP A 114 6.55 -6.36 -11.59
C TRP A 114 6.09 -7.69 -12.15
N GLU A 115 4.81 -7.77 -12.51
CA GLU A 115 4.26 -8.97 -13.14
C GLU A 115 3.33 -8.56 -14.26
N LEU A 116 3.57 -9.09 -15.47
CA LEU A 116 2.76 -8.76 -16.62
C LEU A 116 1.71 -9.84 -16.81
N ILE A 117 0.44 -9.48 -16.72
CA ILE A 117 -0.62 -10.45 -16.97
C ILE A 117 -1.68 -9.83 -17.87
N SER A 118 -2.67 -10.62 -18.25
CA SER A 118 -3.68 -10.11 -19.18
C SER A 118 -4.88 -9.58 -18.43
N THR A 119 -5.70 -8.78 -19.09
CA THR A 119 -6.87 -8.22 -18.46
C THR A 119 -7.72 -9.26 -17.75
N ASP A 120 -8.02 -10.39 -18.40
CA ASP A 120 -8.92 -11.34 -17.76
C ASP A 120 -8.27 -12.19 -16.66
N GLN A 121 -6.98 -11.96 -16.42
CA GLN A 121 -6.25 -12.65 -15.37
C GLN A 121 -6.17 -11.85 -14.07
N VAL A 122 -6.58 -10.58 -14.10
CA VAL A 122 -6.41 -9.69 -12.95
C VAL A 122 -7.28 -10.12 -11.78
N LEU A 123 -8.57 -10.34 -12.01
CA LEU A 123 -9.41 -10.78 -10.89
C LEU A 123 -8.96 -12.12 -10.29
N PRO A 124 -8.65 -13.11 -11.14
CA PRO A 124 -8.12 -14.35 -10.55
C PRO A 124 -6.80 -14.17 -9.77
N TYR A 125 -5.93 -13.29 -10.26
CA TYR A 125 -4.66 -12.99 -9.59
C TYR A 125 -4.90 -12.54 -8.14
N PHE A 126 -5.83 -11.62 -7.96
CA PHE A 126 -6.12 -11.14 -6.62
C PHE A 126 -6.91 -12.12 -5.74
N LEU A 127 -7.75 -12.96 -6.36
CA LEU A 127 -8.42 -14.02 -5.61
C LEU A 127 -7.35 -14.98 -5.08
N LYS A 128 -6.35 -15.29 -5.90
CA LYS A 128 -5.31 -16.23 -5.49
C LYS A 128 -4.49 -15.64 -4.33
N LYS A 129 -4.29 -14.32 -4.34
CA LYS A 129 -3.61 -13.62 -3.25
C LYS A 129 -4.46 -13.54 -1.98
N LYS A 130 -5.76 -13.84 -2.09
CA LYS A 130 -6.69 -13.79 -0.96
C LYS A 130 -6.84 -12.39 -0.34
N ILE A 131 -6.61 -11.36 -1.15
CA ILE A 131 -6.75 -9.99 -0.69
C ILE A 131 -8.21 -9.72 -0.31
N GLY A 132 -8.39 -9.08 0.85
CA GLY A 132 -9.71 -8.75 1.35
C GLY A 132 -10.29 -7.51 0.71
N PRO A 133 -11.43 -7.03 1.21
CA PRO A 133 -12.14 -5.92 0.56
C PRO A 133 -11.38 -4.60 0.65
N GLU A 134 -11.61 -3.72 -0.32
CA GLU A 134 -11.12 -2.34 -0.19
C GLU A 134 -11.74 -1.67 1.04
N PRO A 135 -11.00 -0.75 1.66
CA PRO A 135 -11.47 -0.09 2.89
C PRO A 135 -12.43 1.07 2.59
N THR A 136 -13.60 0.74 2.07
CA THR A 136 -14.63 1.73 1.80
C THR A 136 -15.93 1.29 2.43
N TYR A 137 -16.83 2.22 2.67
CA TYR A 137 -18.10 1.81 3.27
C TYR A 137 -18.83 0.81 2.36
N GLU A 138 -18.71 0.99 1.04
CA GLU A 138 -19.42 0.11 0.10
C GLU A 138 -18.89 -1.31 0.07
N ASP A 139 -17.57 -1.46 0.16
CA ASP A 139 -16.96 -2.79 0.00
C ASP A 139 -16.61 -3.51 1.30
N PHE A 140 -16.34 -2.76 2.37
CA PHE A 140 -15.87 -3.37 3.62
C PHE A 140 -17.09 -3.66 4.50
N ASP A 141 -17.64 -4.85 4.38
CA ASP A 141 -18.85 -5.23 5.12
C ASP A 141 -18.51 -5.57 6.57
N GLU A 142 -19.06 -4.78 7.50
CA GLU A 142 -18.80 -5.00 8.92
C GLU A 142 -19.29 -6.36 9.40
N LYS A 143 -20.36 -6.90 8.79
CA LYS A 143 -20.93 -8.13 9.30
C LYS A 143 -19.98 -9.30 9.09
N LEU A 144 -19.46 -9.46 7.88
CA LEU A 144 -18.44 -10.51 7.64
C LEU A 144 -17.17 -10.29 8.48
N PHE A 145 -16.73 -9.04 8.58
CA PHE A 145 -15.58 -8.67 9.39
C PHE A 145 -15.80 -9.19 10.80
N ARG A 146 -16.98 -8.88 11.34
CA ARG A 146 -17.31 -9.31 12.69
C ARG A 146 -17.28 -10.83 12.85
N GLU A 147 -17.83 -11.54 11.88
CA GLU A 147 -17.85 -13.00 11.96
C GLU A 147 -16.44 -13.58 11.93
N LYS A 148 -15.58 -13.03 11.08
CA LYS A 148 -14.20 -13.53 11.00
C LYS A 148 -13.44 -13.30 12.30
N LEU A 149 -13.64 -12.13 12.89
CA LEU A 149 -12.99 -11.82 14.17
C LEU A 149 -13.49 -12.72 15.29
N ARG A 150 -14.77 -13.04 15.26
CA ARG A 150 -15.41 -13.85 16.30
C ARG A 150 -14.81 -15.25 16.39
N LYS A 151 -14.38 -15.80 15.26
CA LYS A 151 -13.96 -17.20 15.23
C LYS A 151 -12.45 -17.39 15.25
N SER A 152 -11.69 -16.32 15.44
CA SER A 152 -10.24 -16.44 15.46
C SER A 152 -9.65 -16.15 16.83
N THR A 153 -8.52 -16.80 17.14
CA THR A 153 -7.76 -16.43 18.33
C THR A 153 -6.52 -15.64 17.96
N LYS A 154 -6.40 -15.24 16.68
CA LYS A 154 -5.24 -14.42 16.31
C LYS A 154 -5.29 -13.09 17.04
N LYS A 155 -4.11 -12.49 17.24
CA LYS A 155 -4.02 -11.13 17.75
C LYS A 155 -4.46 -10.14 16.66
N ILE A 156 -5.11 -9.07 17.06
CA ILE A 156 -5.73 -8.16 16.11
C ILE A 156 -4.73 -7.52 15.17
N LYS A 157 -3.58 -7.08 15.67
CA LYS A 157 -2.65 -6.38 14.80
C LYS A 157 -2.14 -7.29 13.66
N PRO A 158 -1.59 -8.47 13.99
CA PRO A 158 -1.12 -9.29 12.86
C PRO A 158 -2.27 -9.74 11.96
N TYR A 159 -3.44 -10.02 12.51
CA TYR A 159 -4.56 -10.42 11.65
C TYR A 159 -4.89 -9.30 10.65
N LEU A 160 -4.96 -8.07 11.13
CA LEU A 160 -5.21 -6.93 10.23
C LEU A 160 -4.10 -6.78 9.17
N LEU A 161 -2.85 -7.05 9.57
CA LEU A 161 -1.74 -6.93 8.60
C LEU A 161 -1.78 -7.97 7.48
N GLU A 162 -2.55 -9.03 7.66
CA GLU A 162 -2.62 -10.09 6.63
C GLU A 162 -3.18 -9.65 5.29
N GLN A 163 -3.92 -8.55 5.28
CA GLN A 163 -4.62 -8.03 4.09
C GLN A 163 -5.90 -8.80 3.80
N THR A 164 -6.26 -9.77 4.64
CA THR A 164 -7.38 -10.67 4.36
C THR A 164 -8.72 -10.19 4.90
N LEU A 165 -8.70 -9.54 6.07
CA LEU A 165 -9.94 -8.96 6.64
C LEU A 165 -10.35 -7.70 5.88
N VAL A 166 -9.34 -6.99 5.37
CA VAL A 166 -9.50 -5.71 4.67
C VAL A 166 -8.14 -5.41 4.09
N ALA A 167 -8.11 -4.81 2.90
CA ALA A 167 -6.85 -4.56 2.20
C ALA A 167 -6.31 -3.17 2.52
N GLY A 168 -5.00 -3.08 2.69
CA GLY A 168 -4.35 -1.78 2.64
C GLY A 168 -3.58 -1.30 3.87
N LEU A 169 -3.82 -1.92 5.03
CA LEU A 169 -3.09 -1.50 6.23
C LEU A 169 -1.69 -2.05 6.26
N GLY A 170 -0.73 -1.20 6.63
CA GLY A 170 0.63 -1.64 6.93
C GLY A 170 0.97 -1.24 8.36
N ASN A 171 2.26 -1.25 8.70
CA ASN A 171 2.61 -1.01 10.09
C ASN A 171 2.17 0.34 10.62
N ILE A 172 2.26 1.39 9.80
CA ILE A 172 1.87 2.72 10.25
C ILE A 172 0.36 2.79 10.53
N TYR A 173 -0.46 2.46 9.54
CA TYR A 173 -1.88 2.70 9.69
C TYR A 173 -2.53 1.66 10.59
N VAL A 174 -1.95 0.47 10.69
CA VAL A 174 -2.50 -0.48 11.68
C VAL A 174 -2.30 0.08 13.11
N ASP A 175 -1.14 0.64 13.38
CA ASP A 175 -0.90 1.21 14.70
C ASP A 175 -1.84 2.40 14.94
N GLU A 176 -1.99 3.25 13.92
CA GLU A 176 -2.82 4.43 14.04
C GLU A 176 -4.28 4.05 14.27
N VAL A 177 -4.75 3.06 13.51
CA VAL A 177 -6.14 2.63 13.61
C VAL A 177 -6.45 2.02 14.97
N LEU A 178 -5.54 1.21 15.49
CA LEU A 178 -5.78 0.56 16.77
C LEU A 178 -5.78 1.58 17.92
N TRP A 179 -4.96 2.63 17.80
CA TRP A 179 -4.99 3.70 18.80
C TRP A 179 -6.33 4.43 18.69
N LEU A 180 -6.74 4.76 17.47
CA LEU A 180 -7.99 5.51 17.31
C LEU A 180 -9.17 4.71 17.86
N ALA A 181 -9.19 3.42 17.58
CA ALA A 181 -10.27 2.56 18.06
C ALA A 181 -10.10 2.05 19.50
N LYS A 182 -9.04 2.48 20.18
CA LYS A 182 -8.79 2.11 21.58
C LYS A 182 -8.70 0.61 21.80
N ILE A 183 -7.97 -0.06 20.91
CA ILE A 183 -7.78 -1.51 20.99
C ILE A 183 -6.29 -1.86 21.07
N HIS A 184 -5.94 -2.74 21.99
CA HIS A 184 -4.53 -3.12 22.16
C HIS A 184 -4.13 -4.10 21.04
N PRO A 185 -2.95 -3.92 20.44
CA PRO A 185 -2.55 -4.74 19.28
C PRO A 185 -2.47 -6.24 19.55
N GLU A 186 -2.31 -6.63 20.81
CA GLU A 186 -2.23 -8.04 21.15
C GLU A 186 -3.58 -8.63 21.54
N LYS A 187 -4.66 -7.86 21.40
CA LYS A 187 -5.98 -8.36 21.77
C LYS A 187 -6.40 -9.52 20.87
N GLU A 188 -6.76 -10.66 21.45
CA GLU A 188 -7.25 -11.76 20.62
C GLU A 188 -8.61 -11.37 20.03
N THR A 189 -8.81 -11.62 18.74
CA THR A 189 -9.95 -11.02 18.05
C THR A 189 -11.27 -11.54 18.56
N ASN A 190 -11.30 -12.78 19.05
CA ASN A 190 -12.57 -13.32 19.56
C ASN A 190 -12.97 -12.71 20.90
N GLN A 191 -12.13 -11.82 21.43
CA GLN A 191 -12.48 -11.11 22.65
C GLN A 191 -13.10 -9.73 22.40
N LEU A 192 -13.04 -9.26 21.15
CA LEU A 192 -13.59 -7.96 20.80
C LEU A 192 -15.11 -7.99 20.84
N ILE A 193 -15.71 -7.03 21.53
CA ILE A 193 -17.17 -6.92 21.55
C ILE A 193 -17.69 -6.15 20.34
N GLU A 194 -19.00 -6.28 20.09
CA GLU A 194 -19.60 -5.71 18.89
C GLU A 194 -19.30 -4.22 18.72
N SER A 195 -19.41 -3.47 19.81
CA SER A 195 -19.18 -2.03 19.73
C SER A 195 -17.74 -1.69 19.37
N SER A 196 -16.77 -2.46 19.88
CA SER A 196 -15.38 -2.25 19.53
C SER A 196 -15.14 -2.59 18.06
N ILE A 197 -15.78 -3.64 17.59
CA ILE A 197 -15.59 -4.06 16.19
C ILE A 197 -16.15 -3.00 15.26
N HIS A 198 -17.29 -2.42 15.63
CA HIS A 198 -17.87 -1.33 14.86
C HIS A 198 -16.94 -0.11 14.79
N LEU A 199 -16.40 0.29 15.94
CA LEU A 199 -15.48 1.43 15.98
C LEU A 199 -14.23 1.13 15.16
N LEU A 200 -13.70 -0.08 15.30
CA LEU A 200 -12.53 -0.51 14.49
C LEU A 200 -12.84 -0.43 12.98
N HIS A 201 -13.98 -0.99 12.60
CA HIS A 201 -14.39 -0.98 11.19
C HIS A 201 -14.41 0.44 10.63
N ASP A 202 -15.11 1.34 11.34
CA ASP A 202 -15.22 2.71 10.85
C ASP A 202 -13.86 3.43 10.89
N SER A 203 -13.06 3.12 11.90
CA SER A 203 -11.77 3.79 12.06
C SER A 203 -10.82 3.42 10.91
N ILE A 204 -10.90 2.17 10.48
CA ILE A 204 -10.07 1.72 9.35
C ILE A 204 -10.41 2.55 8.11
N ILE A 205 -11.71 2.67 7.82
CA ILE A 205 -12.13 3.43 6.67
C ILE A 205 -11.75 4.90 6.81
N GLU A 206 -12.07 5.48 7.98
CA GLU A 206 -11.79 6.90 8.20
C GLU A 206 -10.31 7.30 8.12
N ILE A 207 -9.45 6.52 8.77
CA ILE A 207 -8.02 6.82 8.79
C ILE A 207 -7.41 6.71 7.39
N LEU A 208 -7.78 5.66 6.66
CA LEU A 208 -7.23 5.49 5.33
C LEU A 208 -7.74 6.56 4.37
N GLN A 209 -9.00 6.93 4.47
CA GLN A 209 -9.51 8.00 3.60
C GLN A 209 -8.85 9.34 3.93
N LYS A 210 -8.63 9.61 5.22
CA LYS A 210 -7.94 10.83 5.62
C LYS A 210 -6.52 10.83 5.06
N ALA A 211 -5.82 9.71 5.22
CA ALA A 211 -4.46 9.62 4.72
C ALA A 211 -4.42 9.83 3.19
N ILE A 212 -5.39 9.29 2.47
CA ILE A 212 -5.46 9.50 1.03
C ILE A 212 -5.63 10.99 0.74
N LYS A 213 -6.58 11.62 1.42
CA LYS A 213 -6.85 13.03 1.22
C LYS A 213 -5.60 13.89 1.45
N LEU A 214 -4.80 13.51 2.45
CA LEU A 214 -3.59 14.26 2.79
C LEU A 214 -2.35 13.83 1.99
N GLY A 215 -2.55 12.91 1.04
CA GLY A 215 -1.48 12.52 0.12
C GLY A 215 -0.44 11.59 0.73
N GLY A 216 -0.87 10.83 1.74
CA GLY A 216 -0.02 9.83 2.35
C GLY A 216 1.01 10.37 3.34
N SER A 217 1.77 9.45 3.95
CA SER A 217 2.77 9.84 4.94
C SER A 217 4.16 9.73 4.31
N SER A 218 5.10 10.58 4.71
CA SER A 218 6.45 10.51 4.15
C SER A 218 7.52 10.42 5.25
N ALA A 224 10.35 12.58 -6.36
CA ALA A 224 9.60 11.38 -6.70
C ALA A 224 8.10 11.50 -6.42
N LEU A 225 7.30 10.74 -7.14
CA LEU A 225 5.85 10.77 -6.98
C LEU A 225 5.43 10.38 -5.56
N GLY A 226 4.45 11.10 -5.02
CA GLY A 226 3.94 10.84 -3.69
C GLY A 226 4.74 11.44 -2.54
N SER A 227 5.86 12.09 -2.84
CA SER A 227 6.75 12.58 -1.80
C SER A 227 6.33 13.92 -1.19
N THR A 228 5.06 14.28 -1.38
CA THR A 228 4.56 15.56 -0.91
C THR A 228 3.43 15.40 0.13
N GLY A 229 3.38 14.23 0.76
CA GLY A 229 2.33 13.92 1.71
C GLY A 229 2.34 14.78 2.97
N LYS A 230 1.19 14.81 3.65
CA LYS A 230 1.04 15.58 4.88
C LYS A 230 0.49 14.72 6.02
N MET A 231 0.22 13.46 5.74
CA MET A 231 -0.39 12.61 6.77
C MET A 231 0.59 12.37 7.92
N GLN A 232 1.89 12.47 7.66
CA GLN A 232 2.88 12.21 8.71
C GLN A 232 2.72 13.18 9.88
N ASN A 233 2.24 14.38 9.60
CA ASN A 233 2.00 15.37 10.63
C ASN A 233 0.77 15.06 11.49
N GLU A 234 0.01 14.03 11.10
CA GLU A 234 -1.22 13.68 11.80
C GLU A 234 -1.08 12.40 12.61
N LEU A 235 0.09 11.76 12.54
CA LEU A 235 0.26 10.48 13.22
C LEU A 235 0.21 10.67 14.74
N GLN A 236 -0.50 9.78 15.41
CA GLN A 236 -0.68 9.88 16.86
C GLN A 236 0.23 8.94 17.66
N VAL A 237 0.65 7.83 17.06
CA VAL A 237 1.46 6.84 17.78
C VAL A 237 2.68 6.32 17.01
N TYR A 238 2.52 6.08 15.70
CA TYR A 238 3.61 5.47 14.95
C TYR A 238 4.87 6.33 15.02
N GLY A 239 5.96 5.75 15.53
CA GLY A 239 7.23 6.45 15.68
C GLY A 239 7.23 7.51 16.76
N LYS A 240 6.22 7.48 17.63
CA LYS A 240 6.08 8.51 18.68
C LYS A 240 6.46 8.00 20.05
N THR A 241 7.26 6.94 20.08
CA THR A 241 7.74 6.38 21.34
C THR A 241 8.26 7.44 22.30
N GLY A 242 7.75 7.43 23.51
CA GLY A 242 8.22 8.33 24.56
C GLY A 242 7.49 9.66 24.58
N GLU A 243 6.78 9.97 23.51
CA GLU A 243 5.97 11.18 23.48
C GLU A 243 4.63 10.92 24.18
N LYS A 244 3.88 11.97 24.46
CA LYS A 244 2.64 11.80 25.23
C LYS A 244 1.45 11.56 24.32
N CYS A 245 0.56 10.66 24.74
CA CYS A 245 -0.68 10.41 24.04
C CYS A 245 -1.49 11.71 23.97
N SER A 246 -2.01 12.05 22.80
CA SER A 246 -2.81 13.28 22.69
C SER A 246 -4.12 13.25 23.48
N ARG A 247 -4.62 12.05 23.79
CA ARG A 247 -5.88 11.92 24.52
C ARG A 247 -5.72 11.95 26.03
N CYS A 248 -4.81 11.14 26.57
CA CYS A 248 -4.74 10.99 28.03
C CYS A 248 -3.42 11.45 28.64
N GLY A 249 -2.41 11.69 27.81
CA GLY A 249 -1.15 12.21 28.30
C GLY A 249 -0.15 11.15 28.72
N ALA A 250 -0.50 9.88 28.60
CA ALA A 250 0.44 8.80 28.96
C ALA A 250 1.54 8.69 27.90
N GLU A 251 2.74 8.25 28.27
CA GLU A 251 3.79 8.02 27.26
C GLU A 251 3.46 6.87 26.30
N ILE A 252 3.61 7.15 25.01
CA ILE A 252 3.47 6.10 24.01
C ILE A 252 4.62 5.09 24.17
N GLN A 253 4.27 3.81 24.14
CA GLN A 253 5.23 2.74 24.33
C GLN A 253 5.47 2.00 23.02
N LYS A 254 6.65 1.40 22.89
CA LYS A 254 6.93 0.57 21.71
C LYS A 254 7.27 -0.84 22.16
N ILE A 255 6.60 -1.82 21.56
CA ILE A 255 6.88 -3.22 21.84
C ILE A 255 7.00 -3.96 20.51
N LYS A 256 7.34 -5.25 20.56
CA LYS A 256 7.39 -6.06 19.36
C LYS A 256 6.18 -6.98 19.35
N VAL A 257 5.41 -6.98 18.27
CA VAL A 257 4.28 -7.90 18.15
C VAL A 257 4.39 -8.65 16.83
N ALA A 258 4.48 -9.98 16.91
CA ALA A 258 4.66 -10.79 15.71
C ALA A 258 5.75 -10.23 14.79
N GLY A 259 6.89 -9.88 15.39
CA GLY A 259 8.04 -9.42 14.63
C GLY A 259 8.03 -7.96 14.17
N ARG A 260 6.98 -7.22 14.51
CA ARG A 260 6.86 -5.83 14.04
C ARG A 260 6.93 -4.82 15.17
N GLY A 261 7.60 -3.69 14.92
CA GLY A 261 7.60 -2.57 15.84
C GLY A 261 6.18 -2.10 16.04
N THR A 262 5.77 -1.91 17.30
CA THR A 262 4.36 -1.68 17.61
C THR A 262 4.21 -0.54 18.62
N HIS A 263 3.51 0.51 18.22
CA HIS A 263 3.40 1.72 19.05
C HIS A 263 1.98 1.88 19.57
N PHE A 264 1.82 2.09 20.87
CA PHE A 264 0.46 2.17 21.43
C PHE A 264 0.46 2.99 22.73
N CYS A 265 -0.74 3.42 23.13
CA CYS A 265 -0.90 4.06 24.44
C CYS A 265 -1.45 3.00 25.40
N PRO A 266 -0.73 2.72 26.50
CA PRO A 266 -1.12 1.69 27.47
C PRO A 266 -2.38 2.03 28.25
N VAL A 267 -2.79 3.30 28.27
CA VAL A 267 -4.01 3.70 28.98
C VAL A 267 -5.21 3.54 28.05
N CYS A 268 -5.10 4.13 26.86
CA CYS A 268 -6.21 4.15 25.91
C CYS A 268 -6.43 2.77 25.28
N GLN A 269 -5.37 1.97 25.21
CA GLN A 269 -5.45 0.65 24.60
C GLN A 269 -5.15 -0.42 25.64
N GLN A 270 -6.18 -0.74 26.43
CA GLN A 270 -6.07 -1.66 27.55
C GLN A 270 -5.84 -3.09 27.06
N LYS A 271 -4.85 -3.75 27.65
CA LYS A 271 -4.49 -5.11 27.25
C LYS A 271 -5.57 -6.10 27.67
OP1 VET B 7 7.64 0.04 10.79
P VET B 7 8.06 -0.82 9.64
OP2 VET B 7 8.23 -2.27 9.87
O5' VET B 7 7.03 -0.65 8.44
C5' VET B 7 6.75 0.66 7.92
C4' VET B 7 5.60 0.61 6.93
C3' VET B 7 5.86 -0.29 5.72
O3' VET B 7 4.62 -0.59 5.09
C2' VET B 7 6.73 0.59 4.83
C6' VET B 7 5.38 1.99 6.29
C1' VET B 7 5.95 1.90 4.84
N1 VET B 7 6.74 3.17 4.67
C2 VET B 7 7.92 3.49 5.41
O2 VET B 7 8.48 2.77 6.21
N3 VET B 7 8.45 4.81 5.10
C4 VET B 7 7.50 5.33 4.12
O4 VET B 7 7.52 6.39 3.53
C5 VET B 7 6.38 4.33 3.79
C6 VET B 7 5.00 4.89 4.18
O6 VET B 7 6.46 3.93 2.47
ZN ZN D . -3.83 7.59 25.79
C1 GOL E . 3.80 -10.41 -6.26
O1 GOL E . 3.66 -11.77 -6.62
C2 GOL E . 3.80 -10.17 -4.74
O2 GOL E . 2.53 -10.40 -4.16
C3 GOL E . 4.00 -8.67 -4.51
O3 GOL E . 5.38 -8.44 -4.42
#